data_5D49
#
_entry.id   5D49
#
_cell.length_a   56.550
_cell.length_b   74.250
_cell.length_c   126.150
_cell.angle_alpha   90.00
_cell.angle_beta   101.84
_cell.angle_gamma   90.00
#
_symmetry.space_group_name_H-M   'C 1 2 1'
#
loop_
_entity.id
_entity.type
_entity.pdbx_description
1 polymer 'Terminal deoxynucleotidyltransferase'
2 polymer "DNA (5'-D(*AP*AP*AP*AP*AP*C)-3')"
3 polymer "DNA (5'-D(*TP*TP*TP*TP*TP*GP*GP*C)-3')"
4 polymer "DNA (5'-D(*AP*AP*AP*AP*A)-3')"
5 non-polymer 'MAGNESIUM ION'
6 non-polymer 'SODIUM ION'
7 non-polymer 'SULFATE ION'
8 non-polymer 'ACETATE ION'
9 non-polymer 'TETRAETHYLENE GLYCOL'
10 water water
#
loop_
_entity_poly.entity_id
_entity_poly.type
_entity_poly.pdbx_seq_one_letter_code
_entity_poly.pdbx_strand_id
1 'polypeptide(L)'
;MGSSHHHHHHSSGLVPRGSHMSPSPVPGSQNVPAPAVKKISQYACQRRTTLNNYNQLFTDALDILAENDELRENEGSCLA
FMRASSVLKSLPFPITSMKDTEGIPCLGDKVKSIIEGIIEDGESSEAKAVLNDERYKSFKLFTSVFGVGLKTAEKWFRMG
FRTLSKIQSDKSLRFTQMQKAGFLYYEDLVSCVNRPEAEAVSMLVKEAVVTFLPDALVTMTGGFRRGKMTGHDVDFLITS
PEATEDEEQQLLHKVTDFWKQQGLLLYCDILESTFEKFKQPSRKVDALDHFQKCFLILKLDHGRVHSEKSGQQEGKGWKA
IRVDLVMCPYDRRAFALLGWTGSRQFERDLRRYATHERKMMLDNHALYDRTKRVFLEAESEEEIFAHLGLDYIEPWERNA
;
A
2 'polydeoxyribonucleotide' (DA)(DA)(DA)(DA)(DA)(DC) B
3 'polydeoxyribonucleotide' (DT)(DT)(DT)(DT)(DT)(DG)(DG)(DC) C,D
4 'polydeoxyribonucleotide' (DA)(DA)(DA)(DA)(DA) E
#
loop_
_chem_comp.id
_chem_comp.type
_chem_comp.name
_chem_comp.formula
ACT non-polymer 'ACETATE ION' 'C2 H3 O2 -1'
DA DNA linking 2'-DEOXYADENOSINE-5'-MONOPHOSPHATE 'C10 H14 N5 O6 P'
DC DNA linking 2'-DEOXYCYTIDINE-5'-MONOPHOSPHATE 'C9 H14 N3 O7 P'
DG DNA linking 2'-DEOXYGUANOSINE-5'-MONOPHOSPHATE 'C10 H14 N5 O7 P'
DT DNA linking THYMIDINE-5'-MONOPHOSPHATE 'C10 H15 N2 O8 P'
MG non-polymer 'MAGNESIUM ION' 'Mg 2'
NA non-polymer 'SODIUM ION' 'Na 1'
PG4 non-polymer 'TETRAETHYLENE GLYCOL' 'C8 H18 O5'
SO4 non-polymer 'SULFATE ION' 'O4 S -2'
#
# COMPACT_ATOMS: atom_id res chain seq x y z
N LYS A 38 7.65 -27.88 -5.15
CA LYS A 38 9.11 -27.81 -5.18
C LYS A 38 9.63 -26.60 -5.98
N LYS A 39 8.94 -26.26 -7.09
CA LYS A 39 9.32 -25.14 -7.97
C LYS A 39 8.70 -23.81 -7.49
N ILE A 40 9.54 -22.80 -7.29
CA ILE A 40 9.11 -21.47 -6.84
C ILE A 40 8.54 -20.70 -8.03
N SER A 41 7.31 -20.22 -7.87
CA SER A 41 6.63 -19.43 -8.88
C SER A 41 7.20 -18.02 -8.96
N GLN A 42 7.21 -17.48 -10.18
CA GLN A 42 7.64 -16.12 -10.47
C GLN A 42 6.57 -15.10 -9.99
N TYR A 43 5.30 -15.56 -9.81
CA TYR A 43 4.21 -14.72 -9.30
C TYR A 43 4.15 -14.78 -7.77
N ALA A 44 4.05 -13.59 -7.12
CA ALA A 44 3.91 -13.44 -5.68
C ALA A 44 2.62 -14.09 -5.16
N CYS A 45 1.52 -14.03 -5.96
CA CYS A 45 0.21 -14.62 -5.64
C CYS A 45 0.22 -16.17 -5.58
N GLN A 46 1.31 -16.80 -6.02
CA GLN A 46 1.49 -18.25 -5.96
C GLN A 46 2.58 -18.62 -4.92
N ARG A 47 2.97 -17.66 -4.07
CA ARG A 47 3.95 -17.85 -3.02
C ARG A 47 3.32 -17.43 -1.69
N ARG A 48 3.79 -18.02 -0.59
CA ARG A 48 3.37 -17.67 0.77
C ARG A 48 4.50 -16.86 1.34
N THR A 49 4.22 -15.59 1.61
CA THR A 49 5.20 -14.67 2.14
C THR A 49 4.76 -14.15 3.52
N THR A 50 5.34 -14.71 4.58
CA THR A 50 5.07 -14.24 5.94
C THR A 50 5.99 -13.06 6.21
N LEU A 51 6.03 -12.57 7.45
CA LEU A 51 6.92 -11.46 7.79
C LEU A 51 8.29 -11.96 8.24
N ASN A 52 8.48 -13.29 8.20
CA ASN A 52 9.73 -13.96 8.52
C ASN A 52 10.67 -13.90 7.32
N ASN A 53 11.41 -12.78 7.17
CA ASN A 53 12.35 -12.61 6.07
C ASN A 53 13.72 -13.11 6.50
N TYR A 54 14.16 -14.22 5.88
CA TYR A 54 15.46 -14.83 6.16
C TYR A 54 16.55 -14.20 5.35
N ASN A 55 16.18 -13.33 4.38
CA ASN A 55 17.10 -12.69 3.44
C ASN A 55 17.05 -11.16 3.44
N GLN A 56 16.79 -10.55 4.62
CA GLN A 56 16.65 -9.11 4.82
C GLN A 56 17.81 -8.26 4.28
N LEU A 57 19.07 -8.68 4.48
CA LEU A 57 20.24 -7.96 3.98
C LEU A 57 20.23 -7.88 2.43
N PHE A 58 19.81 -8.97 1.75
CA PHE A 58 19.71 -8.97 0.28
C PHE A 58 18.52 -8.10 -0.19
N THR A 59 17.34 -8.32 0.38
CA THR A 59 16.09 -7.61 0.03
C THR A 59 16.19 -6.11 0.31
N ASP A 60 16.87 -5.70 1.41
CA ASP A 60 17.08 -4.28 1.75
C ASP A 60 17.88 -3.57 0.67
N ALA A 61 18.94 -4.22 0.15
CA ALA A 61 19.79 -3.70 -0.91
C ALA A 61 19.03 -3.64 -2.24
N LEU A 62 18.23 -4.67 -2.55
CA LEU A 62 17.40 -4.72 -3.77
C LEU A 62 16.29 -3.65 -3.73
N ASP A 63 15.80 -3.29 -2.53
CA ASP A 63 14.78 -2.26 -2.33
C ASP A 63 15.33 -0.88 -2.68
N ILE A 64 16.58 -0.61 -2.28
CA ILE A 64 17.29 0.65 -2.55
C ILE A 64 17.52 0.81 -4.07
N LEU A 65 17.94 -0.28 -4.74
CA LEU A 65 18.21 -0.31 -6.17
C LEU A 65 16.94 -0.12 -7.00
N ALA A 66 15.80 -0.64 -6.51
CA ALA A 66 14.46 -0.47 -7.11
C ALA A 66 14.04 1.00 -7.02
N GLU A 67 14.19 1.63 -5.82
CA GLU A 67 13.89 3.05 -5.59
C GLU A 67 14.76 3.97 -6.45
N ASN A 68 16.02 3.59 -6.68
CA ASN A 68 16.94 4.34 -7.54
C ASN A 68 16.47 4.32 -9.00
N ASP A 69 15.86 3.20 -9.44
CA ASP A 69 15.35 3.09 -10.79
C ASP A 69 13.99 3.76 -10.91
N GLU A 70 13.21 3.77 -9.80
CA GLU A 70 11.89 4.36 -9.66
C GLU A 70 11.97 5.87 -9.83
N LEU A 71 12.92 6.52 -9.13
CA LEU A 71 13.09 7.96 -9.20
C LEU A 71 13.54 8.42 -10.60
N ARG A 72 14.22 7.52 -11.32
CA ARG A 72 14.72 7.75 -12.68
C ARG A 72 13.71 7.34 -13.76
N GLU A 73 12.51 6.91 -13.33
CA GLU A 73 11.40 6.44 -14.18
C GLU A 73 11.84 5.29 -15.14
N ASN A 74 12.86 4.50 -14.73
CA ASN A 74 13.36 3.31 -15.44
C ASN A 74 12.47 2.22 -14.87
N GLU A 75 11.24 2.12 -15.40
CA GLU A 75 10.18 1.24 -14.91
C GLU A 75 10.49 -0.25 -14.88
N GLY A 76 11.02 -0.77 -15.99
CA GLY A 76 11.33 -2.19 -16.12
C GLY A 76 12.38 -2.68 -15.14
N SER A 77 13.51 -1.96 -15.05
CA SER A 77 14.59 -2.27 -14.11
C SER A 77 14.12 -2.20 -12.65
N CYS A 78 13.29 -1.18 -12.33
CA CYS A 78 12.71 -0.96 -11.01
C CYS A 78 11.86 -2.17 -10.60
N LEU A 79 10.98 -2.60 -11.51
CA LEU A 79 10.12 -3.76 -11.26
C LEU A 79 10.93 -5.07 -11.15
N ALA A 80 12.04 -5.18 -11.90
CA ALA A 80 12.93 -6.34 -11.83
C ALA A 80 13.57 -6.45 -10.42
N PHE A 81 14.04 -5.32 -9.87
CA PHE A 81 14.62 -5.30 -8.50
C PHE A 81 13.57 -5.65 -7.43
N MET A 82 12.36 -5.09 -7.59
CA MET A 82 11.21 -5.33 -6.74
C MET A 82 10.80 -6.80 -6.75
N ARG A 83 10.72 -7.43 -7.94
CA ARG A 83 10.37 -8.85 -8.11
C ARG A 83 11.40 -9.77 -7.46
N ALA A 84 12.69 -9.43 -7.62
CA ALA A 84 13.82 -10.15 -7.03
C ALA A 84 13.77 -10.02 -5.49
N SER A 85 13.45 -8.81 -4.96
CA SER A 85 13.31 -8.57 -3.53
C SER A 85 12.11 -9.36 -2.97
N SER A 86 10.99 -9.40 -3.72
CA SER A 86 9.81 -10.13 -3.30
C SER A 86 10.03 -11.65 -3.15
N VAL A 87 10.62 -12.28 -4.20
CA VAL A 87 10.85 -13.73 -4.20
C VAL A 87 11.81 -14.16 -3.06
N LEU A 88 12.82 -13.31 -2.75
CA LEU A 88 13.74 -13.61 -1.67
C LEU A 88 13.07 -13.58 -0.30
N LYS A 89 12.01 -12.73 -0.13
CA LYS A 89 11.21 -12.61 1.10
C LYS A 89 10.42 -13.89 1.41
N SER A 90 10.05 -14.65 0.37
CA SER A 90 9.29 -15.90 0.53
C SER A 90 10.20 -17.10 0.86
N LEU A 91 11.53 -16.96 0.71
CA LEU A 91 12.47 -18.05 0.97
C LEU A 91 12.42 -18.52 2.42
N PRO A 92 12.32 -19.85 2.68
CA PRO A 92 12.25 -20.33 4.07
C PRO A 92 13.62 -20.52 4.73
N PHE A 93 14.70 -20.01 4.09
CA PHE A 93 16.08 -20.10 4.57
C PHE A 93 16.90 -18.92 4.06
N PRO A 94 17.98 -18.53 4.76
CA PRO A 94 18.86 -17.48 4.22
C PRO A 94 19.77 -18.00 3.09
N ILE A 95 20.02 -17.17 2.04
CA ILE A 95 20.98 -17.47 0.98
C ILE A 95 22.36 -17.31 1.65
N THR A 96 23.20 -18.36 1.63
CA THR A 96 24.54 -18.31 2.27
C THR A 96 25.65 -18.59 1.24
N SER A 97 25.26 -18.97 -0.01
CA SER A 97 26.17 -19.22 -1.13
C SER A 97 25.45 -18.99 -2.46
N MET A 98 26.23 -18.83 -3.55
CA MET A 98 25.66 -18.68 -4.90
C MET A 98 24.87 -19.92 -5.38
N LYS A 99 25.18 -21.12 -4.84
CA LYS A 99 24.47 -22.38 -5.17
C LYS A 99 23.01 -22.32 -4.67
N ASP A 100 22.76 -21.50 -3.63
CA ASP A 100 21.43 -21.28 -3.05
C ASP A 100 20.48 -20.55 -3.99
N THR A 101 20.99 -19.68 -4.89
CA THR A 101 20.18 -18.93 -5.86
C THR A 101 19.65 -19.78 -7.04
N GLU A 102 20.03 -21.07 -7.12
CA GLU A 102 19.63 -21.94 -8.23
C GLU A 102 18.15 -22.33 -8.19
N GLY A 103 17.49 -22.18 -9.33
CA GLY A 103 16.07 -22.48 -9.53
C GLY A 103 15.09 -21.41 -9.08
N ILE A 104 15.60 -20.30 -8.48
CA ILE A 104 14.77 -19.19 -8.00
C ILE A 104 14.51 -18.23 -9.17
N PRO A 105 13.22 -18.04 -9.56
CA PRO A 105 12.93 -17.11 -10.67
C PRO A 105 13.12 -15.66 -10.25
N CYS A 106 13.17 -14.74 -11.25
CA CYS A 106 13.34 -13.27 -11.11
C CYS A 106 14.81 -12.90 -10.80
N LEU A 107 15.70 -13.90 -10.76
CA LEU A 107 17.12 -13.67 -10.48
C LEU A 107 17.97 -13.95 -11.70
N GLY A 108 18.31 -12.87 -12.41
CA GLY A 108 19.18 -12.93 -13.57
C GLY A 108 20.59 -12.60 -13.15
N ASP A 109 21.46 -12.33 -14.13
CA ASP A 109 22.87 -12.01 -13.89
C ASP A 109 23.09 -10.76 -13.04
N LYS A 110 22.31 -9.67 -13.25
CA LYS A 110 22.48 -8.43 -12.45
C LYS A 110 22.15 -8.64 -10.97
N VAL A 111 20.98 -9.27 -10.68
CA VAL A 111 20.59 -9.56 -9.29
C VAL A 111 21.58 -10.54 -8.65
N LYS A 112 22.06 -11.55 -9.42
CA LYS A 112 23.04 -12.53 -8.97
C LYS A 112 24.35 -11.87 -8.54
N SER A 113 24.83 -10.87 -9.32
CA SER A 113 26.04 -10.10 -9.00
C SER A 113 25.88 -9.25 -7.72
N ILE A 114 24.62 -8.82 -7.40
CA ILE A 114 24.30 -8.05 -6.18
C ILE A 114 24.42 -8.99 -4.97
N ILE A 115 23.72 -10.14 -5.06
CA ILE A 115 23.71 -11.22 -4.08
C ILE A 115 25.14 -11.68 -3.77
N GLU A 116 25.93 -11.94 -4.84
CA GLU A 116 27.33 -12.38 -4.76
C GLU A 116 28.17 -11.39 -3.96
N GLY A 117 28.01 -10.09 -4.22
CA GLY A 117 28.69 -9.02 -3.51
C GLY A 117 28.34 -8.93 -2.03
N ILE A 118 27.10 -9.26 -1.68
CA ILE A 118 26.61 -9.23 -0.29
C ILE A 118 27.18 -10.43 0.49
N ILE A 119 27.30 -11.61 -0.16
CA ILE A 119 27.88 -12.82 0.44
C ILE A 119 29.37 -12.57 0.78
N GLU A 120 30.11 -11.88 -0.13
CA GLU A 120 31.54 -11.54 -0.01
C GLU A 120 31.92 -10.83 1.31
N ASP A 121 31.32 -9.66 1.60
CA ASP A 121 31.66 -8.88 2.80
C ASP A 121 30.48 -8.46 3.70
N GLY A 122 29.25 -8.84 3.34
CA GLY A 122 28.04 -8.51 4.11
C GLY A 122 27.47 -7.14 3.80
N GLU A 123 27.90 -6.55 2.68
CA GLU A 123 27.48 -5.22 2.22
C GLU A 123 27.30 -5.21 0.70
N SER A 124 26.46 -4.29 0.21
CA SER A 124 26.23 -4.07 -1.22
C SER A 124 26.84 -2.72 -1.59
N SER A 125 27.93 -2.73 -2.38
CA SER A 125 28.62 -1.52 -2.84
C SER A 125 27.73 -0.67 -3.79
N GLU A 126 26.81 -1.32 -4.51
CA GLU A 126 25.86 -0.68 -5.42
C GLU A 126 24.83 0.10 -4.63
N ALA A 127 24.21 -0.56 -3.61
CA ALA A 127 23.21 0.04 -2.71
C ALA A 127 23.80 1.18 -1.88
N LYS A 128 25.04 1.00 -1.37
CA LYS A 128 25.78 1.97 -0.57
C LYS A 128 26.06 3.24 -1.40
N ALA A 129 26.38 3.07 -2.69
CA ALA A 129 26.63 4.14 -3.66
C ALA A 129 25.36 4.92 -3.94
N VAL A 130 24.21 4.22 -3.96
CA VAL A 130 22.91 4.84 -4.16
C VAL A 130 22.52 5.64 -2.89
N LEU A 131 22.75 5.06 -1.69
CA LEU A 131 22.44 5.71 -0.42
C LEU A 131 23.15 7.06 -0.24
N ASN A 132 24.38 7.19 -0.76
CA ASN A 132 25.18 8.41 -0.70
C ASN A 132 24.90 9.38 -1.86
N ASP A 133 24.05 8.98 -2.80
CA ASP A 133 23.69 9.82 -3.95
C ASP A 133 22.70 10.93 -3.57
N GLU A 134 23.06 12.17 -3.93
CA GLU A 134 22.30 13.42 -3.73
C GLU A 134 20.88 13.34 -4.28
N ARG A 135 20.73 12.88 -5.55
CA ARG A 135 19.44 12.73 -6.21
C ARG A 135 18.57 11.71 -5.45
N TYR A 136 19.16 10.60 -5.02
CA TYR A 136 18.45 9.56 -4.25
C TYR A 136 18.03 10.06 -2.86
N LYS A 137 18.94 10.75 -2.17
CA LYS A 137 18.69 11.29 -0.83
C LYS A 137 17.59 12.33 -0.85
N SER A 138 17.61 13.22 -1.86
CA SER A 138 16.62 14.28 -2.07
C SER A 138 15.25 13.66 -2.34
N PHE A 139 15.20 12.61 -3.19
CA PHE A 139 13.98 11.89 -3.55
C PHE A 139 13.32 11.30 -2.33
N LYS A 140 14.08 10.51 -1.53
CA LYS A 140 13.61 9.86 -0.31
C LYS A 140 13.08 10.91 0.68
N LEU A 141 13.87 11.99 0.85
CA LEU A 141 13.54 13.09 1.75
C LEU A 141 12.26 13.85 1.37
N PHE A 142 12.17 14.31 0.11
CA PHE A 142 11.06 15.12 -0.37
C PHE A 142 9.75 14.33 -0.45
N THR A 143 9.76 13.08 -0.98
CA THR A 143 8.57 12.22 -1.10
C THR A 143 8.09 11.69 0.25
N SER A 144 8.93 11.80 1.30
CA SER A 144 8.53 11.43 2.66
C SER A 144 7.48 12.41 3.21
N VAL A 145 7.29 13.56 2.53
CA VAL A 145 6.25 14.54 2.87
C VAL A 145 4.93 14.11 2.18
N PHE A 146 3.85 14.05 2.97
CA PHE A 146 2.50 13.69 2.51
C PHE A 146 2.08 14.75 1.50
N GLY A 147 1.80 14.33 0.25
CA GLY A 147 1.45 15.25 -0.82
C GLY A 147 2.57 15.62 -1.77
N VAL A 148 3.79 15.13 -1.52
CA VAL A 148 4.92 15.30 -2.41
C VAL A 148 5.21 13.93 -3.03
N GLY A 149 5.17 13.87 -4.34
CA GLY A 149 5.46 12.64 -5.08
C GLY A 149 6.72 12.87 -5.90
N LEU A 150 6.96 11.96 -6.84
CA LEU A 150 8.10 11.91 -7.75
C LEU A 150 8.34 13.22 -8.54
N LYS A 151 7.28 13.77 -9.16
CA LYS A 151 7.34 14.98 -9.99
C LYS A 151 7.72 16.23 -9.21
N THR A 152 7.10 16.43 -8.04
CA THR A 152 7.41 17.58 -7.18
C THR A 152 8.83 17.45 -6.62
N ALA A 153 9.24 16.21 -6.19
CA ALA A 153 10.59 15.96 -5.64
C ALA A 153 11.69 16.32 -6.64
N GLU A 154 11.53 15.89 -7.91
CA GLU A 154 12.41 16.15 -9.04
C GLU A 154 12.50 17.66 -9.33
N LYS A 155 11.34 18.37 -9.38
CA LYS A 155 11.33 19.82 -9.58
C LYS A 155 12.17 20.51 -8.50
N TRP A 156 11.94 20.17 -7.23
CA TRP A 156 12.66 20.75 -6.09
C TRP A 156 14.17 20.47 -6.10
N PHE A 157 14.58 19.24 -6.48
CA PHE A 157 15.98 18.84 -6.57
C PHE A 157 16.67 19.63 -7.70
N ARG A 158 16.00 19.68 -8.89
CA ARG A 158 16.46 20.41 -10.08
C ARG A 158 16.49 21.93 -9.83
N MET A 159 15.66 22.41 -8.88
CA MET A 159 15.63 23.82 -8.45
C MET A 159 16.74 24.13 -7.43
N GLY A 160 17.49 23.11 -7.02
CA GLY A 160 18.60 23.22 -6.08
C GLY A 160 18.30 22.99 -4.62
N PHE A 161 17.03 22.64 -4.28
CA PHE A 161 16.68 22.36 -2.88
C PHE A 161 17.25 21.02 -2.41
N ARG A 162 17.74 20.97 -1.17
CA ARG A 162 18.38 19.80 -0.54
C ARG A 162 17.78 19.44 0.82
N THR A 163 17.22 20.42 1.52
CA THR A 163 16.65 20.23 2.86
C THR A 163 15.18 20.68 2.88
N LEU A 164 14.38 20.11 3.79
CA LEU A 164 12.96 20.47 3.96
C LEU A 164 12.75 21.88 4.53
N SER A 165 13.62 22.34 5.46
CA SER A 165 13.53 23.70 6.05
C SER A 165 13.56 24.80 4.98
N LYS A 166 14.50 24.69 4.04
CA LYS A 166 14.66 25.64 2.94
C LYS A 166 13.51 25.59 1.94
N ILE A 167 12.92 24.39 1.70
CA ILE A 167 11.74 24.29 0.84
C ILE A 167 10.59 25.07 1.53
N GLN A 168 10.35 24.77 2.82
CA GLN A 168 9.30 25.31 3.67
C GLN A 168 9.29 26.83 3.76
N SER A 169 10.46 27.43 4.04
CA SER A 169 10.66 28.86 4.20
C SER A 169 10.77 29.65 2.88
N ASP A 170 10.86 28.95 1.73
CA ASP A 170 10.96 29.58 0.42
C ASP A 170 9.61 30.23 0.04
N LYS A 171 9.61 31.58 0.02
CA LYS A 171 8.46 32.44 -0.21
C LYS A 171 7.90 32.40 -1.65
N SER A 172 8.70 31.92 -2.63
CA SER A 172 8.30 31.79 -4.03
C SER A 172 7.47 30.51 -4.30
N LEU A 173 7.65 29.47 -3.46
CA LEU A 173 6.93 28.19 -3.60
C LEU A 173 5.50 28.28 -3.09
N ARG A 174 4.59 27.54 -3.74
CA ARG A 174 3.18 27.44 -3.37
C ARG A 174 2.86 25.97 -3.05
N PHE A 175 2.41 25.71 -1.83
CA PHE A 175 2.10 24.33 -1.41
C PHE A 175 0.62 24.02 -1.50
N THR A 176 0.31 22.79 -1.90
CA THR A 176 -1.05 22.25 -1.96
C THR A 176 -1.51 22.02 -0.50
N GLN A 177 -2.82 21.77 -0.32
CA GLN A 177 -3.41 21.48 1.00
C GLN A 177 -2.82 20.22 1.65
N MET A 178 -2.52 19.18 0.85
CA MET A 178 -1.90 17.95 1.33
C MET A 178 -0.49 18.21 1.83
N GLN A 179 0.30 18.97 1.05
CA GLN A 179 1.67 19.34 1.40
C GLN A 179 1.72 20.16 2.68
N LYS A 180 0.78 21.13 2.86
CA LYS A 180 0.68 21.95 4.08
C LYS A 180 0.46 21.05 5.30
N ALA A 181 -0.49 20.09 5.23
CA ALA A 181 -0.70 19.13 6.32
C ALA A 181 0.57 18.25 6.50
N GLY A 182 1.15 17.82 5.38
CA GLY A 182 2.39 17.05 5.32
C GLY A 182 3.54 17.70 6.08
N PHE A 183 3.70 19.03 5.93
CA PHE A 183 4.73 19.77 6.65
C PHE A 183 4.30 20.02 8.11
N LEU A 184 3.02 20.35 8.36
CA LEU A 184 2.48 20.64 9.71
C LEU A 184 2.60 19.44 10.70
N TYR A 185 2.37 18.20 10.21
CA TYR A 185 2.42 16.97 11.02
C TYR A 185 3.56 16.04 10.61
N TYR A 186 4.63 16.61 10.01
CA TYR A 186 5.76 15.86 9.45
C TYR A 186 6.36 14.77 10.38
N GLU A 187 6.86 15.14 11.58
CA GLU A 187 7.49 14.19 12.51
C GLU A 187 6.52 13.06 12.98
N ASP A 188 5.25 13.40 13.29
CA ASP A 188 4.25 12.36 13.64
C ASP A 188 4.05 11.38 12.47
N LEU A 189 3.90 11.92 11.25
CA LEU A 189 3.65 11.16 10.03
C LEU A 189 4.83 10.30 9.60
N VAL A 190 6.11 10.73 9.81
CA VAL A 190 7.29 9.92 9.45
C VAL A 190 7.56 8.80 10.46
N SER A 191 7.13 9.00 11.72
CA SER A 191 7.23 7.99 12.76
C SER A 191 6.13 7.00 12.40
N CYS A 192 6.46 5.71 12.32
CA CYS A 192 5.48 4.71 11.89
CA CYS A 192 5.50 4.68 11.91
C CYS A 192 4.42 4.41 12.96
N VAL A 193 3.19 4.15 12.50
CA VAL A 193 2.05 3.81 13.35
C VAL A 193 2.37 2.43 13.91
N ASN A 194 2.25 2.27 15.23
CA ASN A 194 2.49 0.98 15.82
C ASN A 194 1.17 0.22 15.98
N ARG A 195 1.24 -1.04 16.43
CA ARG A 195 0.08 -1.90 16.62
C ARG A 195 -0.92 -1.34 17.66
N PRO A 196 -0.51 -0.93 18.91
CA PRO A 196 -1.48 -0.32 19.84
C PRO A 196 -2.16 0.94 19.28
N GLU A 197 -1.44 1.75 18.47
CA GLU A 197 -2.02 2.91 17.78
C GLU A 197 -3.04 2.48 16.69
N ALA A 198 -2.68 1.51 15.82
CA ALA A 198 -3.59 0.99 14.76
C ALA A 198 -4.86 0.38 15.39
N GLU A 199 -4.72 -0.29 16.55
CA GLU A 199 -5.84 -0.87 17.33
C GLU A 199 -6.73 0.23 17.92
N ALA A 200 -6.13 1.33 18.43
CA ALA A 200 -6.89 2.48 18.99
C ALA A 200 -7.72 3.16 17.85
N VAL A 201 -7.07 3.37 16.67
CA VAL A 201 -7.70 3.93 15.44
C VAL A 201 -8.87 3.01 15.02
N SER A 202 -8.66 1.68 15.04
CA SER A 202 -9.70 0.70 14.69
C SER A 202 -10.92 0.83 15.58
N MET A 203 -10.71 0.97 16.92
CA MET A 203 -11.77 1.17 17.90
C MET A 203 -12.56 2.46 17.61
N LEU A 204 -11.84 3.55 17.29
CA LEU A 204 -12.40 4.84 16.94
C LEU A 204 -13.22 4.78 15.62
N VAL A 205 -12.65 4.16 14.57
CA VAL A 205 -13.31 4.03 13.27
C VAL A 205 -14.60 3.17 13.39
N LYS A 206 -14.49 1.99 14.02
CA LYS A 206 -15.61 1.05 14.22
C LYS A 206 -16.74 1.64 15.06
N GLU A 207 -16.40 2.32 16.18
CA GLU A 207 -17.41 2.97 17.02
C GLU A 207 -18.21 4.03 16.25
N ALA A 208 -17.50 4.91 15.49
CA ALA A 208 -18.09 6.00 14.71
C ALA A 208 -18.96 5.50 13.56
N VAL A 209 -18.47 4.50 12.79
CA VAL A 209 -19.22 3.92 11.65
C VAL A 209 -20.48 3.18 12.15
N VAL A 210 -20.36 2.31 13.18
CA VAL A 210 -21.49 1.54 13.72
C VAL A 210 -22.55 2.47 14.37
N THR A 211 -22.11 3.63 14.90
CA THR A 211 -23.03 4.65 15.42
C THR A 211 -24.00 5.13 14.31
N PHE A 212 -23.45 5.52 13.14
CA PHE A 212 -24.23 6.05 12.03
C PHE A 212 -24.84 4.97 11.11
N LEU A 213 -24.30 3.74 11.12
CA LEU A 213 -24.77 2.63 10.27
C LEU A 213 -24.65 1.32 11.06
N PRO A 214 -25.68 0.99 11.90
CA PRO A 214 -25.58 -0.18 12.81
C PRO A 214 -25.13 -1.53 12.22
N ASP A 215 -25.46 -1.83 10.94
CA ASP A 215 -25.13 -3.12 10.28
C ASP A 215 -23.81 -3.09 9.48
N ALA A 216 -23.06 -1.97 9.53
CA ALA A 216 -21.80 -1.85 8.81
C ALA A 216 -20.76 -2.91 9.20
N LEU A 217 -20.13 -3.48 8.17
CA LEU A 217 -19.02 -4.40 8.32
C LEU A 217 -17.78 -3.51 8.15
N VAL A 218 -16.94 -3.42 9.19
CA VAL A 218 -15.72 -2.60 9.15
C VAL A 218 -14.55 -3.54 9.33
N THR A 219 -13.67 -3.57 8.33
CA THR A 219 -12.49 -4.43 8.33
C THR A 219 -11.26 -3.58 8.14
N MET A 220 -10.28 -3.74 9.05
CA MET A 220 -8.97 -3.09 8.90
C MET A 220 -8.27 -3.87 7.77
N THR A 221 -7.78 -3.15 6.76
CA THR A 221 -7.11 -3.73 5.59
C THR A 221 -5.62 -3.34 5.63
N GLY A 222 -4.94 -3.32 4.48
CA GLY A 222 -3.54 -2.96 4.33
C GLY A 222 -2.56 -3.81 5.13
N GLY A 223 -1.44 -3.20 5.48
CA GLY A 223 -0.38 -3.83 6.25
C GLY A 223 -0.80 -4.55 7.53
N PHE A 224 -1.65 -3.90 8.35
CA PHE A 224 -2.12 -4.41 9.64
C PHE A 224 -2.98 -5.68 9.51
N ARG A 225 -3.68 -5.89 8.37
CA ARG A 225 -4.44 -7.13 8.14
C ARG A 225 -3.46 -8.29 7.78
N ARG A 226 -2.29 -7.94 7.26
CA ARG A 226 -1.25 -8.92 6.89
C ARG A 226 -0.37 -9.27 8.15
N GLY A 227 -0.77 -8.75 9.32
CA GLY A 227 -0.09 -8.98 10.60
C GLY A 227 1.15 -8.17 10.84
N LYS A 228 1.31 -7.04 10.10
CA LYS A 228 2.46 -6.15 10.29
C LYS A 228 2.35 -5.47 11.67
N MET A 229 3.49 -5.19 12.30
CA MET A 229 3.50 -4.55 13.60
C MET A 229 3.59 -3.03 13.47
N THR A 230 4.02 -2.57 12.29
CA THR A 230 4.12 -1.15 11.96
C THR A 230 3.50 -0.89 10.61
N GLY A 231 3.20 0.38 10.34
CA GLY A 231 2.68 0.83 9.06
C GLY A 231 2.80 2.32 8.92
N HIS A 232 2.67 2.82 7.67
CA HIS A 232 2.70 4.26 7.39
C HIS A 232 1.32 4.92 7.64
N ASP A 233 0.26 4.11 7.57
CA ASP A 233 -1.11 4.54 7.75
C ASP A 233 -1.94 3.36 8.28
N VAL A 234 -3.24 3.57 8.49
CA VAL A 234 -4.16 2.50 8.92
C VAL A 234 -5.30 2.48 7.90
N ASP A 235 -5.50 1.34 7.21
CA ASP A 235 -6.50 1.23 6.14
C ASP A 235 -7.73 0.46 6.57
N PHE A 236 -8.90 0.91 6.12
CA PHE A 236 -10.17 0.27 6.46
C PHE A 236 -11.09 0.14 5.26
N LEU A 237 -11.95 -0.89 5.29
CA LEU A 237 -12.98 -1.11 4.30
C LEU A 237 -14.30 -1.21 5.04
N ILE A 238 -15.29 -0.46 4.55
CA ILE A 238 -16.63 -0.36 5.08
C ILE A 238 -17.62 -0.81 4.04
N THR A 239 -18.61 -1.56 4.50
CA THR A 239 -19.65 -2.05 3.64
C THR A 239 -20.88 -2.35 4.49
N SER A 240 -22.05 -2.36 3.87
CA SER A 240 -23.24 -2.64 4.63
C SER A 240 -24.18 -3.50 3.80
N PRO A 241 -24.72 -4.60 4.37
CA PRO A 241 -25.68 -5.40 3.59
C PRO A 241 -26.98 -4.69 3.30
N GLU A 242 -27.42 -3.75 4.16
CA GLU A 242 -28.74 -3.17 3.97
C GLU A 242 -28.81 -1.65 3.81
N ALA A 243 -27.67 -0.93 3.78
CA ALA A 243 -27.73 0.52 3.58
C ALA A 243 -28.34 0.86 2.20
N THR A 244 -29.19 1.89 2.17
CA THR A 244 -29.78 2.46 0.95
C THR A 244 -28.63 3.18 0.23
N GLU A 245 -28.83 3.59 -1.06
CA GLU A 245 -27.79 4.33 -1.80
C GLU A 245 -27.40 5.62 -1.08
N ASP A 246 -28.41 6.35 -0.52
CA ASP A 246 -28.13 7.58 0.23
C ASP A 246 -27.31 7.34 1.49
N GLU A 247 -27.71 6.37 2.32
CA GLU A 247 -27.01 5.96 3.56
C GLU A 247 -25.58 5.54 3.29
N GLU A 248 -25.36 4.79 2.19
CA GLU A 248 -24.06 4.31 1.75
C GLU A 248 -23.15 5.48 1.34
N GLN A 249 -23.67 6.42 0.50
CA GLN A 249 -22.91 7.58 0.05
C GLN A 249 -22.66 8.57 1.23
N GLN A 250 -23.60 8.67 2.17
CA GLN A 250 -23.52 9.64 3.27
C GLN A 250 -22.65 9.22 4.46
N LEU A 251 -22.40 7.90 4.66
CA LEU A 251 -21.64 7.36 5.80
C LEU A 251 -20.29 8.07 6.04
N LEU A 252 -19.48 8.23 5.01
CA LEU A 252 -18.16 8.87 5.20
C LEU A 252 -18.28 10.34 5.57
N HIS A 253 -19.35 11.01 5.08
CA HIS A 253 -19.64 12.41 5.37
C HIS A 253 -20.08 12.56 6.82
N LYS A 254 -20.98 11.66 7.32
CA LYS A 254 -21.42 11.70 8.71
C LYS A 254 -20.27 11.40 9.69
N VAL A 255 -19.45 10.41 9.35
CA VAL A 255 -18.34 9.97 10.20
C VAL A 255 -17.24 11.05 10.26
N THR A 256 -16.88 11.65 9.11
CA THR A 256 -15.84 12.71 9.13
C THR A 256 -16.38 14.01 9.77
N ASP A 257 -17.70 14.33 9.61
CA ASP A 257 -18.32 15.51 10.25
C ASP A 257 -18.40 15.39 11.77
N PHE A 258 -18.63 14.15 12.26
CA PHE A 258 -18.66 13.80 13.67
C PHE A 258 -17.27 14.07 14.27
N TRP A 259 -16.20 13.67 13.57
CA TRP A 259 -14.82 13.94 14.03
C TRP A 259 -14.41 15.42 13.94
N LYS A 260 -14.85 16.16 12.88
CA LYS A 260 -14.59 17.60 12.71
C LYS A 260 -15.23 18.38 13.88
N GLN A 261 -16.42 17.92 14.35
CA GLN A 261 -17.14 18.50 15.49
C GLN A 261 -16.32 18.40 16.77
N GLN A 262 -15.50 17.34 16.89
CA GLN A 262 -14.65 17.05 18.05
C GLN A 262 -13.21 17.55 17.91
N GLY A 263 -12.90 18.23 16.81
CA GLY A 263 -11.56 18.74 16.52
C GLY A 263 -10.52 17.66 16.23
N LEU A 264 -10.96 16.46 15.85
CA LEU A 264 -10.09 15.30 15.61
C LEU A 264 -9.61 15.14 14.14
N LEU A 265 -10.26 15.84 13.22
CA LEU A 265 -9.99 15.78 11.78
C LEU A 265 -8.98 16.85 11.37
N LEU A 266 -7.71 16.46 11.25
CA LEU A 266 -6.57 17.31 10.90
C LEU A 266 -6.45 17.54 9.38
N TYR A 267 -6.87 16.55 8.61
CA TYR A 267 -6.91 16.56 7.15
C TYR A 267 -8.00 15.62 6.71
N CYS A 268 -8.77 16.02 5.69
CA CYS A 268 -9.87 15.24 5.14
C CYS A 268 -10.06 15.52 3.65
N ASP A 269 -9.89 14.49 2.84
CA ASP A 269 -10.16 14.54 1.41
C ASP A 269 -11.12 13.40 1.12
N ILE A 270 -12.38 13.71 0.74
CA ILE A 270 -13.37 12.67 0.43
C ILE A 270 -13.53 12.63 -1.08
N LEU A 271 -13.20 11.49 -1.67
CA LEU A 271 -13.29 11.26 -3.11
C LEU A 271 -14.59 10.54 -3.36
N GLU A 272 -15.50 11.18 -4.07
CA GLU A 272 -16.78 10.54 -4.41
C GLU A 272 -16.55 9.33 -5.32
N SER A 273 -17.48 8.39 -5.28
CA SER A 273 -17.41 7.19 -6.08
C SER A 273 -17.71 7.57 -7.55
N THR A 274 -17.09 6.81 -8.48
CA THR A 274 -17.31 6.86 -9.94
C THR A 274 -17.79 5.46 -10.34
N PHE A 275 -18.16 4.65 -9.33
CA PHE A 275 -18.67 3.31 -9.55
C PHE A 275 -20.13 3.41 -9.97
N GLU A 276 -20.42 3.03 -11.22
CA GLU A 276 -21.76 3.03 -11.80
C GLU A 276 -22.04 1.57 -12.12
N LYS A 277 -22.92 0.93 -11.32
CA LYS A 277 -23.29 -0.49 -11.47
C LYS A 277 -23.73 -0.86 -12.91
N PHE A 278 -24.52 0.04 -13.56
CA PHE A 278 -25.03 -0.15 -14.92
C PHE A 278 -24.02 0.23 -16.04
N LYS A 279 -22.81 0.66 -15.66
CA LYS A 279 -21.78 1.08 -16.63
C LYS A 279 -20.42 0.42 -16.33
N GLN A 280 -20.44 -0.90 -16.06
CA GLN A 280 -19.23 -1.67 -15.75
C GLN A 280 -18.78 -2.56 -16.92
N PRO A 281 -17.46 -2.63 -17.26
CA PRO A 281 -16.32 -1.94 -16.64
C PRO A 281 -16.16 -0.50 -17.13
N SER A 282 -15.35 0.28 -16.40
CA SER A 282 -15.05 1.67 -16.74
C SER A 282 -13.54 1.90 -16.53
N ARG A 283 -12.78 1.96 -17.65
CA ARG A 283 -11.33 2.16 -17.66
C ARG A 283 -11.02 3.60 -17.35
N LYS A 284 -10.29 3.80 -16.24
CA LYS A 284 -9.87 5.07 -15.67
C LYS A 284 -8.43 5.40 -16.05
N VAL A 285 -8.09 6.71 -16.09
CA VAL A 285 -6.72 7.19 -16.33
C VAL A 285 -5.98 7.06 -14.99
N ASP A 286 -6.75 7.17 -13.90
CA ASP A 286 -6.32 7.06 -12.53
C ASP A 286 -6.16 5.58 -12.12
N ALA A 287 -5.03 5.26 -11.46
CA ALA A 287 -4.68 3.91 -10.99
C ALA A 287 -5.51 3.47 -9.77
N LEU A 288 -6.12 4.44 -9.05
CA LEU A 288 -6.95 4.14 -7.89
C LEU A 288 -8.31 3.61 -8.34
N ASP A 289 -9.03 2.90 -7.47
CA ASP A 289 -10.32 2.30 -7.82
C ASP A 289 -11.50 3.31 -7.84
N HIS A 290 -12.70 2.85 -8.26
CA HIS A 290 -13.89 3.65 -8.40
C HIS A 290 -14.58 3.95 -7.10
N PHE A 291 -14.26 3.23 -6.02
CA PHE A 291 -14.99 3.36 -4.77
C PHE A 291 -14.91 4.73 -4.11
N GLN A 292 -15.96 5.08 -3.37
CA GLN A 292 -15.91 6.30 -2.55
C GLN A 292 -14.88 6.01 -1.44
N LYS A 293 -13.94 6.92 -1.27
CA LYS A 293 -12.86 6.76 -0.32
C LYS A 293 -12.40 8.09 0.26
N CYS A 294 -11.73 8.05 1.43
CA CYS A 294 -11.19 9.26 2.03
C CYS A 294 -9.82 9.04 2.63
N PHE A 295 -8.95 10.03 2.43
CA PHE A 295 -7.58 10.08 2.96
C PHE A 295 -7.63 11.07 4.11
N LEU A 296 -7.37 10.60 5.32
CA LEU A 296 -7.44 11.46 6.49
C LEU A 296 -6.19 11.52 7.29
N ILE A 297 -6.13 12.57 8.11
CA ILE A 297 -5.20 12.72 9.18
C ILE A 297 -6.07 12.94 10.39
N LEU A 298 -5.96 11.98 11.32
CA LEU A 298 -6.68 11.96 12.57
C LEU A 298 -5.80 12.32 13.75
N LYS A 299 -6.36 13.09 14.68
CA LYS A 299 -5.74 13.46 15.95
C LYS A 299 -6.06 12.29 16.88
N LEU A 300 -5.02 11.57 17.30
CA LEU A 300 -5.20 10.39 18.12
C LEU A 300 -4.67 10.67 19.52
N ASP A 301 -5.58 10.85 20.50
CA ASP A 301 -5.19 11.11 21.89
C ASP A 301 -4.46 9.91 22.51
N HIS A 302 -3.37 10.16 23.24
CA HIS A 302 -2.57 9.14 23.95
C HIS A 302 -3.44 8.31 24.91
N GLY A 303 -4.48 8.95 25.46
CA GLY A 303 -5.47 8.34 26.34
C GLY A 303 -6.27 7.22 25.69
N ARG A 304 -6.19 7.10 24.36
CA ARG A 304 -6.86 6.04 23.58
C ARG A 304 -5.91 4.86 23.31
N VAL A 305 -4.60 5.10 23.36
CA VAL A 305 -3.56 4.10 23.11
C VAL A 305 -3.17 3.38 24.40
N HIS A 306 -3.10 2.03 24.34
CA HIS A 306 -2.69 1.15 25.44
C HIS A 306 -1.18 0.89 25.41
N GLU A 314 5.09 11.45 26.73
CA GLU A 314 3.84 12.19 26.77
C GLU A 314 3.78 13.31 25.69
N GLY A 315 4.52 14.40 25.91
CA GLY A 315 4.58 15.54 25.00
C GLY A 315 3.27 16.31 24.85
N LYS A 316 2.81 16.49 23.59
CA LYS A 316 1.58 17.23 23.29
C LYS A 316 0.29 16.44 23.59
N GLY A 317 0.43 15.17 23.99
CA GLY A 317 -0.70 14.31 24.35
C GLY A 317 -1.46 13.67 23.20
N TRP A 318 -0.99 13.86 21.95
CA TRP A 318 -1.65 13.28 20.77
C TRP A 318 -0.65 13.01 19.63
N LYS A 319 -1.10 12.22 18.66
CA LYS A 319 -0.32 11.86 17.49
C LYS A 319 -1.19 11.96 16.22
N ALA A 320 -0.65 12.61 15.17
CA ALA A 320 -1.30 12.72 13.84
C ALA A 320 -1.08 11.36 13.14
N ILE A 321 -2.19 10.74 12.67
CA ILE A 321 -2.18 9.42 12.05
C ILE A 321 -2.87 9.48 10.70
N ARG A 322 -2.20 8.94 9.67
CA ARG A 322 -2.83 8.78 8.37
C ARG A 322 -3.85 7.63 8.46
N VAL A 323 -5.09 7.90 8.04
CA VAL A 323 -6.17 6.91 8.05
C VAL A 323 -6.88 6.92 6.69
N ASP A 324 -6.94 5.75 5.99
CA ASP A 324 -7.67 5.62 4.74
C ASP A 324 -8.97 4.82 5.01
N LEU A 325 -10.11 5.34 4.51
CA LEU A 325 -11.41 4.66 4.66
C LEU A 325 -12.01 4.45 3.28
N VAL A 326 -12.42 3.21 2.98
CA VAL A 326 -13.02 2.87 1.69
C VAL A 326 -14.43 2.38 1.94
N MET A 327 -15.38 2.94 1.21
CA MET A 327 -16.78 2.53 1.28
C MET A 327 -17.09 1.81 -0.04
N CYS A 328 -17.54 0.58 0.05
CA CYS A 328 -17.83 -0.15 -1.16
C CYS A 328 -19.25 -0.70 -1.14
N PRO A 329 -19.89 -0.84 -2.32
CA PRO A 329 -21.21 -1.51 -2.36
C PRO A 329 -21.03 -2.96 -1.88
N TYR A 330 -22.02 -3.45 -1.13
CA TYR A 330 -22.00 -4.76 -0.49
C TYR A 330 -21.56 -5.92 -1.40
N ASP A 331 -22.13 -6.02 -2.63
CA ASP A 331 -21.79 -7.06 -3.63
C ASP A 331 -20.33 -7.04 -4.11
N ARG A 332 -19.62 -5.90 -3.97
CA ARG A 332 -18.21 -5.81 -4.38
C ARG A 332 -17.20 -5.99 -3.24
N ARG A 333 -17.66 -6.35 -2.02
CA ARG A 333 -16.83 -6.39 -0.79
C ARG A 333 -15.60 -7.33 -0.86
N ALA A 334 -15.72 -8.52 -1.52
CA ALA A 334 -14.60 -9.47 -1.67
C ALA A 334 -13.46 -8.92 -2.56
N PHE A 335 -13.80 -8.28 -3.70
CA PHE A 335 -12.84 -7.68 -4.63
C PHE A 335 -12.18 -6.47 -3.96
N ALA A 336 -12.96 -5.65 -3.24
CA ALA A 336 -12.45 -4.48 -2.51
C ALA A 336 -11.46 -4.91 -1.44
N LEU A 337 -11.80 -5.99 -0.68
CA LEU A 337 -10.95 -6.54 0.38
C LEU A 337 -9.65 -7.08 -0.15
N LEU A 338 -9.74 -7.90 -1.21
CA LEU A 338 -8.58 -8.47 -1.84
C LEU A 338 -7.68 -7.39 -2.33
N GLY A 339 -8.27 -6.39 -2.98
CA GLY A 339 -7.56 -5.24 -3.50
C GLY A 339 -6.89 -4.35 -2.46
N TRP A 340 -7.52 -4.18 -1.31
CA TRP A 340 -6.98 -3.29 -0.28
C TRP A 340 -6.16 -4.00 0.79
N THR A 341 -6.09 -5.35 0.77
CA THR A 341 -5.29 -6.09 1.74
C THR A 341 -3.81 -5.99 1.40
N GLY A 342 -3.53 -6.04 0.10
CA GLY A 342 -2.17 -6.00 -0.37
C GLY A 342 -1.44 -7.33 -0.21
N SER A 343 -0.11 -7.30 -0.21
CA SER A 343 0.75 -6.12 -0.42
C SER A 343 0.68 -5.66 -1.91
N ARG A 344 1.33 -4.53 -2.24
CA ARG A 344 1.41 -3.96 -3.60
C ARG A 344 1.89 -5.01 -4.66
N GLN A 345 3.00 -5.75 -4.36
CA GLN A 345 3.55 -6.81 -5.20
C GLN A 345 2.59 -7.99 -5.31
N PHE A 346 1.95 -8.37 -4.19
CA PHE A 346 0.93 -9.43 -4.22
C PHE A 346 -0.22 -9.07 -5.22
N GLU A 347 -0.74 -7.82 -5.13
CA GLU A 347 -1.80 -7.24 -5.97
C GLU A 347 -1.44 -7.20 -7.45
N ARG A 348 -0.23 -6.71 -7.81
CA ARG A 348 0.16 -6.62 -9.20
C ARG A 348 0.42 -8.01 -9.82
N ASP A 349 0.89 -9.00 -9.02
CA ASP A 349 1.09 -10.34 -9.54
C ASP A 349 -0.22 -11.11 -9.65
N LEU A 350 -1.22 -10.80 -8.80
CA LEU A 350 -2.58 -11.39 -8.92
C LEU A 350 -3.14 -11.00 -10.30
N ARG A 351 -3.04 -9.70 -10.63
CA ARG A 351 -3.49 -9.11 -11.90
C ARG A 351 -2.71 -9.71 -13.08
N ARG A 352 -1.35 -9.74 -13.00
CA ARG A 352 -0.43 -10.30 -13.99
C ARG A 352 -0.71 -11.79 -14.26
N TYR A 353 -0.95 -12.56 -13.17
CA TYR A 353 -1.31 -13.98 -13.28
C TYR A 353 -2.67 -14.12 -13.94
N ALA A 354 -3.65 -13.26 -13.56
CA ALA A 354 -5.02 -13.30 -14.14
C ALA A 354 -4.95 -13.09 -15.66
N THR A 355 -4.19 -12.07 -16.11
CA THR A 355 -3.98 -11.70 -17.49
C THR A 355 -3.28 -12.79 -18.31
N HIS A 356 -2.00 -13.08 -17.97
CA HIS A 356 -1.11 -13.96 -18.71
C HIS A 356 -1.32 -15.45 -18.48
N GLU A 357 -1.94 -15.86 -17.38
CA GLU A 357 -2.15 -17.30 -17.14
C GLU A 357 -3.56 -17.75 -17.34
N ARG A 358 -4.52 -16.87 -17.07
CA ARG A 358 -5.93 -17.25 -17.10
C ARG A 358 -6.78 -16.50 -18.10
N LYS A 359 -6.20 -15.53 -18.83
CA LYS A 359 -6.95 -14.68 -19.79
C LYS A 359 -8.14 -14.00 -19.09
N MET A 360 -7.88 -13.52 -17.87
CA MET A 360 -8.88 -12.88 -17.04
C MET A 360 -8.44 -11.47 -16.68
N MET A 361 -9.40 -10.64 -16.32
CA MET A 361 -9.13 -9.26 -15.91
C MET A 361 -9.60 -9.04 -14.49
N LEU A 362 -8.64 -8.86 -13.59
CA LEU A 362 -8.92 -8.59 -12.20
C LEU A 362 -8.68 -7.15 -11.83
N ASP A 363 -9.56 -6.60 -11.01
CA ASP A 363 -9.36 -5.29 -10.42
C ASP A 363 -9.99 -5.27 -9.04
N ASN A 364 -10.11 -4.09 -8.39
CA ASN A 364 -10.72 -3.96 -7.06
C ASN A 364 -12.23 -4.07 -7.10
N HIS A 365 -12.84 -4.18 -8.30
CA HIS A 365 -14.30 -4.22 -8.41
C HIS A 365 -14.84 -5.55 -8.85
N ALA A 366 -14.10 -6.25 -9.74
CA ALA A 366 -14.59 -7.44 -10.39
C ALA A 366 -13.48 -8.35 -10.95
N LEU A 367 -13.90 -9.53 -11.42
CA LEU A 367 -13.07 -10.52 -12.10
C LEU A 367 -13.77 -10.88 -13.42
N TYR A 368 -13.21 -10.42 -14.53
CA TYR A 368 -13.78 -10.66 -15.84
C TYR A 368 -13.09 -11.82 -16.58
N ASP A 369 -13.87 -12.75 -17.13
CA ASP A 369 -13.32 -13.88 -17.87
C ASP A 369 -13.52 -13.58 -19.35
N ARG A 370 -12.43 -13.23 -20.05
CA ARG A 370 -12.45 -12.86 -21.47
C ARG A 370 -12.87 -14.00 -22.40
N THR A 371 -12.58 -15.27 -22.05
CA THR A 371 -12.96 -16.43 -22.87
C THR A 371 -14.47 -16.66 -22.78
N LYS A 372 -14.98 -16.82 -21.54
CA LYS A 372 -16.39 -17.07 -21.27
C LYS A 372 -17.25 -15.82 -21.45
N ARG A 373 -16.60 -14.64 -21.52
CA ARG A 373 -17.24 -13.32 -21.71
C ARG A 373 -18.21 -12.99 -20.56
N VAL A 374 -17.81 -13.33 -19.32
CA VAL A 374 -18.61 -13.12 -18.13
C VAL A 374 -17.83 -12.63 -16.92
N PHE A 375 -18.51 -11.91 -16.04
CA PHE A 375 -17.94 -11.50 -14.76
C PHE A 375 -18.14 -12.65 -13.79
N LEU A 376 -17.10 -12.98 -13.02
CA LEU A 376 -17.15 -14.08 -12.06
C LEU A 376 -17.49 -13.47 -10.70
N GLU A 377 -18.62 -13.90 -10.15
CA GLU A 377 -19.08 -13.35 -8.87
CA GLU A 377 -19.15 -13.42 -8.86
C GLU A 377 -18.42 -14.07 -7.70
N ALA A 378 -18.25 -13.34 -6.59
CA ALA A 378 -17.60 -13.84 -5.38
C ALA A 378 -18.06 -13.06 -4.15
N GLU A 379 -18.34 -13.78 -3.07
CA GLU A 379 -18.75 -13.16 -1.81
C GLU A 379 -17.65 -13.30 -0.75
N SER A 380 -16.50 -13.88 -1.11
CA SER A 380 -15.31 -14.06 -0.25
C SER A 380 -14.00 -14.02 -1.09
N GLU A 381 -12.85 -13.80 -0.42
CA GLU A 381 -11.54 -13.84 -1.07
C GLU A 381 -11.23 -15.26 -1.56
N GLU A 382 -11.65 -16.30 -0.80
CA GLU A 382 -11.46 -17.70 -1.18
C GLU A 382 -12.02 -17.98 -2.58
N GLU A 383 -13.22 -17.45 -2.87
CA GLU A 383 -13.91 -17.62 -4.15
C GLU A 383 -13.14 -16.97 -5.30
N ILE A 384 -12.49 -15.82 -5.05
CA ILE A 384 -11.69 -15.16 -6.08
C ILE A 384 -10.49 -16.02 -6.42
N PHE A 385 -9.75 -16.51 -5.37
CA PHE A 385 -8.61 -17.41 -5.55
C PHE A 385 -9.03 -18.66 -6.34
N ALA A 386 -10.18 -19.28 -5.98
CA ALA A 386 -10.71 -20.48 -6.67
C ALA A 386 -11.02 -20.21 -8.15
N HIS A 387 -11.58 -19.03 -8.47
CA HIS A 387 -11.92 -18.61 -9.84
C HIS A 387 -10.62 -18.49 -10.67
N LEU A 388 -9.52 -18.05 -10.02
CA LEU A 388 -8.21 -17.89 -10.67
C LEU A 388 -7.38 -19.19 -10.73
N GLY A 389 -7.91 -20.28 -10.15
CA GLY A 389 -7.20 -21.55 -10.04
C GLY A 389 -6.00 -21.47 -9.12
N LEU A 390 -6.03 -20.56 -8.12
CA LEU A 390 -4.94 -20.37 -7.18
C LEU A 390 -5.29 -20.97 -5.85
N ASP A 391 -4.30 -21.56 -5.18
CA ASP A 391 -4.45 -22.02 -3.80
C ASP A 391 -4.61 -20.77 -2.94
N TYR A 392 -5.54 -20.80 -1.99
CA TYR A 392 -5.82 -19.69 -1.11
C TYR A 392 -4.57 -19.26 -0.32
N ILE A 393 -4.24 -17.96 -0.39
CA ILE A 393 -3.13 -17.36 0.36
C ILE A 393 -3.76 -16.50 1.48
N GLU A 394 -3.45 -16.84 2.75
CA GLU A 394 -3.90 -16.12 3.93
C GLU A 394 -3.38 -14.65 3.90
N PRO A 395 -4.15 -13.65 4.40
CA PRO A 395 -3.67 -12.25 4.37
C PRO A 395 -2.25 -12.03 4.91
N TRP A 396 -1.85 -12.78 5.96
CA TRP A 396 -0.53 -12.71 6.60
C TRP A 396 0.57 -13.46 5.79
N GLU A 397 0.19 -14.08 4.64
CA GLU A 397 1.10 -14.72 3.69
C GLU A 397 1.17 -13.92 2.36
N ARG A 398 0.69 -12.65 2.35
CA ARG A 398 0.65 -11.79 1.16
C ARG A 398 1.62 -10.63 1.28
N ASN A 399 2.65 -10.82 2.10
CA ASN A 399 3.70 -9.84 2.38
C ASN A 399 4.80 -9.82 1.35
N ALA A 400 4.45 -10.14 0.09
CA ALA A 400 5.33 -10.17 -1.06
C ALA A 400 5.98 -8.78 -1.29
MG MG F . -1.51 0.98 4.50
NA NA G . 4.70 11.86 -0.40
S SO4 H . 0.24 -1.38 3.03
O1 SO4 H . 1.00 -0.26 2.44
O2 SO4 H . -0.12 -2.36 2.04
O3 SO4 H . 1.16 -1.99 3.98
O4 SO4 H . -0.95 -0.89 3.67
S SO4 I . 5.46 15.33 20.81
O1 SO4 I . 6.87 15.64 20.54
O2 SO4 I . 4.85 14.79 19.61
O3 SO4 I . 5.37 14.34 21.89
O4 SO4 I . 4.78 16.56 21.22
C ACT J . 13.90 0.54 -18.12
O ACT J . 12.99 0.40 -18.95
OXT ACT J . 13.91 0.03 -16.98
CH3 ACT J . 15.11 1.43 -18.53
C ACT K . 6.50 -4.81 10.78
O ACT K . 6.17 -6.01 10.74
OXT ACT K . 6.22 -3.97 9.92
CH3 ACT K . 7.31 -4.30 11.99
C ACT L . 19.44 -21.04 -12.34
O ACT L . 20.57 -20.71 -11.90
OXT ACT L . 18.71 -21.93 -11.85
CH3 ACT L . 18.90 -20.29 -13.58
O1 PG4 M . -31.95 -5.02 7.92
C1 PG4 M . -31.51 -3.79 8.46
C2 PG4 M . -32.21 -2.63 7.84
O2 PG4 M . -31.56 -1.40 8.19
C3 PG4 M . -30.94 -0.77 7.08
C4 PG4 M . -29.76 0.05 7.49
O3 PG4 M . -28.83 -0.74 8.21
C5 PG4 M . -28.48 -0.21 9.49
C6 PG4 M . -29.31 -0.82 10.59
O4 PG4 M . -29.06 -2.20 10.75
C7 PG4 M . -29.71 -2.78 11.87
C8 PG4 M . -28.75 -3.55 12.71
O5 PG4 M . -28.24 -4.70 12.03
#